data_7KHM
#
_entry.id   7KHM
#
_cell.length_a   53.529
_cell.length_b   114.610
_cell.length_c   83.596
_cell.angle_alpha   90.000
_cell.angle_beta   91.230
_cell.angle_gamma   90.000
#
_symmetry.space_group_name_H-M   'P 1 21 1'
#
loop_
_entity.id
_entity.type
_entity.pdbx_description
1 polymer 'Isoform 4 of Palmitoyltransferase ZDHHC20'
2 non-polymer 'ZINC ION'
3 non-polymer Palmitoyl-CoA
4 non-polymer 'PHOSPHATE ION'
5 water water
#
_entity_poly.entity_id   1
_entity_poly.type   'polypeptide(L)'
_entity_poly.pdbx_seq_one_letter_code
;GPSRATMGAPWTLWRCCQRVVGWVPVLFITFVVVWSYYAYVVELCVFTIFGNEENGKTVVYLVAFHLFFVMFVWSYWMTI
FTSPASPSKEFYLSNSEKERYEKEFSQERQQEILRRAARALPIYTTSASKTIRYCEKCQLIKPDRAHHCSACDSCILKMD
HHSPWVNNCVGFSNYKFFLLFLLYSLLYCLFVAATVLEYFIKFWTNELTDTRAKFHVLFLFFVSAMFFISVLSLFSYHCW
LVGKNRTTIESFRAPTFSYGPDGNGFSLGCSKNWRQVFGDEKKYWLLPIFSSLGDGCSFPTRLVGMDPEQASVTNQNEYA
RRSKLQRSNS
;
_entity_poly.pdbx_strand_id   A,B
#
# COMPACT_ATOMS: atom_id res chain seq x y z
N TRP A 14 -23.57 1.89 -15.40
CA TRP A 14 -22.21 2.16 -15.84
C TRP A 14 -21.29 2.41 -14.64
N ARG A 15 -21.17 3.69 -14.26
CA ARG A 15 -20.31 4.08 -13.14
C ARG A 15 -21.04 4.09 -11.81
N CYS A 16 -22.31 3.67 -11.77
CA CYS A 16 -22.98 3.49 -10.50
C CYS A 16 -22.30 2.42 -9.67
N CYS A 17 -21.71 1.42 -10.32
CA CYS A 17 -21.00 0.37 -9.60
C CYS A 17 -19.60 0.82 -9.19
N GLN A 18 -18.97 1.69 -9.99
CA GLN A 18 -17.60 2.11 -9.72
C GLN A 18 -17.53 3.28 -8.75
N ARG A 19 -18.35 4.31 -8.97
CA ARG A 19 -18.31 5.49 -8.11
C ARG A 19 -18.86 5.20 -6.71
N VAL A 20 -19.80 4.26 -6.60
CA VAL A 20 -20.35 3.95 -5.28
C VAL A 20 -19.42 3.04 -4.49
N VAL A 21 -18.68 2.17 -5.19
CA VAL A 21 -17.73 1.29 -4.52
C VAL A 21 -16.59 2.06 -3.88
N GLY A 22 -16.39 3.33 -4.28
CA GLY A 22 -15.41 4.17 -3.62
C GLY A 22 -15.85 4.63 -2.25
N TRP A 23 -17.15 4.61 -1.96
CA TRP A 23 -17.68 4.96 -0.65
C TRP A 23 -17.70 3.80 0.33
N VAL A 24 -17.24 2.61 -0.08
CA VAL A 24 -17.23 1.45 0.80
C VAL A 24 -16.22 1.62 1.94
N PRO A 25 -14.99 2.10 1.69
CA PRO A 25 -14.05 2.26 2.82
C PRO A 25 -14.51 3.24 3.88
N VAL A 26 -15.29 4.26 3.52
CA VAL A 26 -15.72 5.23 4.53
C VAL A 26 -16.90 4.70 5.32
N LEU A 27 -17.78 3.90 4.68
CA LEU A 27 -18.88 3.29 5.41
C LEU A 27 -18.39 2.20 6.35
N PHE A 28 -17.28 1.55 6.00
CA PHE A 28 -16.68 0.58 6.90
C PHE A 28 -16.15 1.27 8.16
N ILE A 29 -15.43 2.37 7.99
CA ILE A 29 -14.91 3.11 9.15
C ILE A 29 -16.06 3.75 9.93
N THR A 30 -17.11 4.19 9.23
CA THR A 30 -18.27 4.76 9.92
C THR A 30 -18.92 3.74 10.84
N PHE A 31 -19.11 2.51 10.36
CA PHE A 31 -19.71 1.49 11.21
C PHE A 31 -18.81 1.11 12.37
N VAL A 32 -17.49 1.08 12.15
CA VAL A 32 -16.56 0.74 13.22
C VAL A 32 -16.56 1.82 14.29
N VAL A 33 -16.73 3.08 13.89
CA VAL A 33 -16.72 4.18 14.85
C VAL A 33 -18.04 4.26 15.61
N VAL A 34 -19.17 4.18 14.89
CA VAL A 34 -20.48 4.19 15.55
C VAL A 34 -20.59 3.02 16.51
N TRP A 35 -20.08 1.85 16.12
CA TRP A 35 -20.07 0.71 17.02
C TRP A 35 -19.16 0.97 18.21
N SER A 36 -17.97 1.54 17.97
CA SER A 36 -17.06 1.83 19.08
C SER A 36 -17.67 2.83 20.04
N TYR A 37 -18.46 3.79 19.52
CA TYR A 37 -19.18 4.70 20.39
C TYR A 37 -20.20 3.95 21.23
N TYR A 38 -20.99 3.07 20.59
CA TYR A 38 -21.96 2.27 21.33
C TYR A 38 -21.26 1.29 22.27
N ALA A 39 -20.11 0.75 21.86
CA ALA A 39 -19.44 -0.25 22.67
C ALA A 39 -18.76 0.37 23.88
N TYR A 40 -18.22 1.58 23.72
CA TYR A 40 -17.49 2.20 24.81
C TYR A 40 -18.41 2.88 25.80
N VAL A 41 -19.44 3.56 25.31
CA VAL A 41 -20.34 4.29 26.20
C VAL A 41 -21.37 3.35 26.84
N VAL A 42 -22.08 2.59 26.02
CA VAL A 42 -23.20 1.80 26.54
C VAL A 42 -22.71 0.53 27.20
N GLU A 43 -21.88 -0.24 26.51
CA GLU A 43 -21.50 -1.55 27.05
C GLU A 43 -20.40 -1.44 28.10
N LEU A 44 -19.41 -0.60 27.86
CA LEU A 44 -18.28 -0.51 28.78
C LEU A 44 -18.55 0.45 29.94
N CYS A 45 -18.89 1.70 29.66
CA CYS A 45 -19.01 2.67 30.75
C CYS A 45 -20.29 2.45 31.56
N VAL A 46 -21.42 2.20 30.90
CA VAL A 46 -22.69 2.06 31.62
C VAL A 46 -22.83 0.66 32.22
N PHE A 47 -22.67 -0.38 31.39
CA PHE A 47 -22.97 -1.74 31.87
C PHE A 47 -21.80 -2.34 32.64
N THR A 48 -20.57 -2.12 32.19
CA THR A 48 -19.40 -2.73 32.82
C THR A 48 -18.86 -1.88 33.96
N ILE A 49 -18.47 -0.63 33.66
CA ILE A 49 -17.76 0.17 34.65
C ILE A 49 -18.72 0.67 35.74
N PHE A 50 -19.91 1.12 35.34
CA PHE A 50 -20.84 1.69 36.30
C PHE A 50 -21.53 0.63 37.15
N GLY A 51 -21.69 -0.58 36.62
CA GLY A 51 -22.15 -1.68 37.44
C GLY A 51 -21.17 -2.12 38.51
N ASN A 52 -19.95 -1.57 38.50
CA ASN A 52 -18.91 -1.98 39.42
C ASN A 52 -18.66 -0.95 40.52
N GLU A 53 -19.67 -0.11 40.81
CA GLU A 53 -19.62 0.89 41.89
C GLU A 53 -18.44 1.85 41.74
N GLU A 54 -18.22 2.35 40.52
CA GLU A 54 -17.13 3.28 40.23
C GLU A 54 -17.64 4.43 39.35
N ASN A 55 -18.57 5.23 39.91
CA ASN A 55 -19.14 6.36 39.17
C ASN A 55 -18.14 7.48 38.94
N GLY A 56 -16.98 7.45 39.60
CA GLY A 56 -15.94 8.44 39.39
C GLY A 56 -15.18 8.21 38.10
N LYS A 57 -14.85 6.95 37.82
CA LYS A 57 -14.12 6.67 36.58
C LYS A 57 -15.03 6.75 35.37
N THR A 58 -16.33 6.51 35.55
CA THR A 58 -17.26 6.48 34.43
C THR A 58 -17.44 7.87 33.82
N VAL A 59 -17.71 8.87 34.65
CA VAL A 59 -18.01 10.20 34.13
C VAL A 59 -16.75 10.85 33.58
N VAL A 60 -15.59 10.58 34.19
CA VAL A 60 -14.36 11.16 33.69
C VAL A 60 -13.95 10.51 32.38
N TYR A 61 -14.36 9.25 32.16
CA TYR A 61 -14.08 8.61 30.88
C TYR A 61 -15.04 9.09 29.80
N LEU A 62 -16.34 9.15 30.12
CA LEU A 62 -17.34 9.48 29.13
C LEU A 62 -17.11 10.85 28.52
N VAL A 63 -16.63 11.81 29.32
CA VAL A 63 -16.35 13.13 28.77
C VAL A 63 -15.02 13.12 28.02
N ALA A 64 -14.01 12.42 28.55
CA ALA A 64 -12.74 12.33 27.85
C ALA A 64 -12.90 11.60 26.52
N PHE A 65 -13.76 10.57 26.51
CA PHE A 65 -14.04 9.86 25.26
C PHE A 65 -14.72 10.76 24.24
N HIS A 66 -15.71 11.53 24.69
CA HIS A 66 -16.42 12.42 23.78
C HIS A 66 -15.51 13.52 23.23
N LEU A 67 -14.55 13.98 24.03
CA LEU A 67 -13.64 15.01 23.54
C LEU A 67 -12.80 14.48 22.39
N PHE A 68 -12.26 13.27 22.54
CA PHE A 68 -11.52 12.66 21.43
C PHE A 68 -12.45 12.26 20.30
N PHE A 69 -13.65 11.80 20.62
CA PHE A 69 -14.57 11.33 19.58
C PHE A 69 -14.99 12.46 18.66
N VAL A 70 -15.23 13.66 19.20
CA VAL A 70 -15.69 14.76 18.37
C VAL A 70 -14.55 15.34 17.55
N MET A 71 -13.33 15.37 18.11
CA MET A 71 -12.19 15.84 17.33
C MET A 71 -11.82 14.83 16.24
N PHE A 72 -12.05 13.55 16.49
CA PHE A 72 -11.74 12.53 15.50
C PHE A 72 -12.71 12.61 14.31
N VAL A 73 -14.02 12.68 14.59
CA VAL A 73 -14.98 12.67 13.49
C VAL A 73 -14.98 14.01 12.76
N TRP A 74 -14.62 15.10 13.44
CA TRP A 74 -14.57 16.40 12.77
C TRP A 74 -13.44 16.44 11.76
N SER A 75 -12.25 15.96 12.14
CA SER A 75 -11.13 15.91 11.19
C SER A 75 -11.45 14.95 10.05
N TYR A 76 -12.04 13.81 10.37
CA TYR A 76 -12.39 12.82 9.36
C TYR A 76 -13.36 13.41 8.34
N TRP A 77 -14.40 14.09 8.81
CA TRP A 77 -15.37 14.70 7.90
C TRP A 77 -14.71 15.73 7.01
N MET A 78 -13.79 16.52 7.56
CA MET A 78 -13.17 17.60 6.79
C MET A 78 -12.29 17.04 5.68
N THR A 79 -11.47 16.04 5.99
CA THR A 79 -10.63 15.44 4.97
C THR A 79 -11.45 14.82 3.85
N ILE A 80 -12.70 14.45 4.13
CA ILE A 80 -13.54 13.83 3.12
C ILE A 80 -14.17 14.88 2.21
N PHE A 81 -14.85 15.87 2.78
CA PHE A 81 -15.69 16.78 2.00
C PHE A 81 -15.00 18.07 1.60
N THR A 82 -13.73 18.27 1.98
CA THR A 82 -12.94 19.36 1.42
C THR A 82 -12.45 18.93 0.04
N SER A 83 -12.97 19.58 -1.00
CA SER A 83 -12.55 19.25 -2.35
C SER A 83 -11.11 19.68 -2.55
N PRO A 84 -10.31 18.92 -3.31
CA PRO A 84 -8.93 19.30 -3.54
C PRO A 84 -8.83 20.50 -4.47
N ALA A 85 -7.71 21.21 -4.35
CA ALA A 85 -7.49 22.41 -5.14
C ALA A 85 -7.02 22.06 -6.54
N SER A 86 -7.62 22.69 -7.54
CA SER A 86 -7.28 22.52 -8.94
C SER A 86 -6.62 23.79 -9.48
N PRO A 87 -5.88 23.68 -10.59
CA PRO A 87 -5.19 24.87 -11.11
C PRO A 87 -6.15 25.95 -11.54
N SER A 88 -5.72 27.20 -11.37
CA SER A 88 -6.52 28.36 -11.74
C SER A 88 -6.44 28.60 -13.24
N LYS A 89 -7.36 29.44 -13.74
CA LYS A 89 -7.50 29.64 -15.17
C LYS A 89 -6.27 30.25 -15.82
N GLU A 90 -5.34 30.80 -15.03
CA GLU A 90 -4.12 31.37 -15.58
C GLU A 90 -3.21 30.28 -16.16
N PHE A 91 -3.24 29.08 -15.60
CA PHE A 91 -2.40 27.98 -16.06
C PHE A 91 -3.00 27.23 -17.24
N TYR A 92 -4.27 27.47 -17.56
CA TYR A 92 -4.90 26.84 -18.72
C TYR A 92 -4.43 27.51 -20.01
N LEU A 93 -4.21 26.71 -21.04
CA LEU A 93 -3.85 27.25 -22.35
C LEU A 93 -5.07 27.91 -22.99
N SER A 94 -4.92 29.17 -23.36
CA SER A 94 -6.02 29.88 -24.01
C SER A 94 -6.34 29.24 -25.35
N ASN A 95 -7.54 29.53 -25.85
CA ASN A 95 -7.96 28.98 -27.13
C ASN A 95 -7.02 29.37 -28.27
N SER A 96 -6.24 30.45 -28.10
CA SER A 96 -5.24 30.82 -29.08
C SER A 96 -3.99 29.96 -28.97
N GLU A 97 -3.44 29.86 -27.75
CA GLU A 97 -2.24 29.04 -27.54
C GLU A 97 -2.54 27.55 -27.68
N LYS A 98 -3.75 27.11 -27.34
CA LYS A 98 -4.07 25.69 -27.43
C LYS A 98 -4.36 25.26 -28.87
N GLU A 99 -4.73 26.20 -29.74
CA GLU A 99 -4.97 25.86 -31.14
C GLU A 99 -3.66 25.55 -31.86
N ARG A 100 -2.67 26.44 -31.72
CA ARG A 100 -1.38 26.22 -32.36
C ARG A 100 -0.68 24.97 -31.82
N TYR A 101 -0.93 24.63 -30.56
CA TYR A 101 -0.26 23.46 -29.97
C TYR A 101 -0.83 22.17 -30.52
N GLU A 102 -2.16 22.09 -30.67
CA GLU A 102 -2.78 20.88 -31.18
C GLU A 102 -2.43 20.61 -32.64
N LYS A 103 -2.17 21.67 -33.41
CA LYS A 103 -1.85 21.49 -34.82
C LYS A 103 -0.38 21.12 -35.04
N GLU A 104 0.48 21.46 -34.09
CA GLU A 104 1.92 21.26 -34.27
C GLU A 104 2.26 19.77 -34.20
N PHE A 105 3.18 19.35 -35.08
CA PHE A 105 3.67 17.98 -35.07
C PHE A 105 5.13 17.86 -34.66
N SER A 106 5.89 18.95 -34.70
CA SER A 106 7.29 18.91 -34.28
C SER A 106 7.37 18.99 -32.77
N GLN A 107 8.24 18.17 -32.17
CA GLN A 107 8.32 18.08 -30.73
C GLN A 107 8.89 19.35 -30.11
N GLU A 108 9.95 19.91 -30.71
CA GLU A 108 10.57 21.11 -30.12
C GLU A 108 9.76 22.36 -30.44
N ARG A 109 9.12 22.40 -31.61
CA ARG A 109 8.32 23.57 -31.97
C ARG A 109 7.09 23.69 -31.08
N GLN A 110 6.46 22.56 -30.73
CA GLN A 110 5.34 22.58 -29.80
C GLN A 110 5.81 22.81 -28.37
N GLN A 111 7.06 22.45 -28.07
CA GLN A 111 7.62 22.75 -26.76
C GLN A 111 7.95 24.23 -26.63
N GLU A 112 8.33 24.87 -27.75
CA GLU A 112 8.55 26.32 -27.71
C GLU A 112 7.26 27.05 -27.35
N ILE A 113 6.11 26.50 -27.71
CA ILE A 113 4.84 27.10 -27.35
C ILE A 113 4.69 27.17 -25.84
N LEU A 114 5.11 26.10 -25.15
CA LEU A 114 4.98 26.06 -23.71
C LEU A 114 6.05 26.89 -23.01
N ARG A 115 7.18 27.15 -23.68
CA ARG A 115 8.27 27.87 -23.04
C ARG A 115 7.93 29.35 -22.87
N ARG A 116 7.42 29.99 -23.93
CA ARG A 116 7.03 31.39 -23.81
C ARG A 116 5.85 31.56 -22.87
N ALA A 117 4.93 30.60 -22.86
CA ALA A 117 3.81 30.70 -21.93
C ALA A 117 4.27 30.57 -20.48
N ALA A 118 5.34 29.80 -20.24
CA ALA A 118 5.84 29.60 -18.90
C ALA A 118 6.54 30.82 -18.34
N ARG A 119 6.98 31.74 -19.18
CA ARG A 119 7.64 32.94 -18.69
C ARG A 119 6.69 33.85 -17.94
N ALA A 120 5.38 33.60 -18.00
CA ALA A 120 4.38 34.38 -17.29
C ALA A 120 3.82 33.65 -16.08
N LEU A 121 4.28 32.43 -15.79
CA LEU A 121 3.76 31.67 -14.67
C LEU A 121 4.86 31.40 -13.65
N PRO A 122 4.52 31.41 -12.35
CA PRO A 122 5.53 31.18 -11.31
C PRO A 122 5.95 29.73 -11.21
N ILE A 123 6.58 29.20 -12.25
CA ILE A 123 6.97 27.80 -12.32
C ILE A 123 8.50 27.74 -12.26
N TYR A 124 9.02 27.01 -11.28
CA TYR A 124 10.46 26.87 -11.10
C TYR A 124 10.94 25.44 -11.30
N THR A 125 10.05 24.51 -11.63
CA THR A 125 10.39 23.12 -11.82
C THR A 125 10.05 22.69 -13.24
N THR A 126 10.88 21.81 -13.78
CA THR A 126 10.63 21.17 -15.07
C THR A 126 10.50 19.67 -14.83
N SER A 127 10.45 18.91 -15.93
CA SER A 127 10.50 17.47 -15.84
C SER A 127 11.92 17.00 -15.60
N ALA A 128 12.07 15.70 -15.30
CA ALA A 128 13.41 15.16 -15.12
C ALA A 128 14.25 15.28 -16.39
N SER A 129 13.61 15.28 -17.55
CA SER A 129 14.28 15.44 -18.83
C SER A 129 14.30 16.88 -19.31
N LYS A 130 14.17 17.85 -18.39
CA LYS A 130 14.17 19.27 -18.73
C LYS A 130 13.05 19.59 -19.73
N THR A 131 11.82 19.32 -19.32
CA THR A 131 10.63 19.58 -20.12
C THR A 131 9.56 20.24 -19.25
N ILE A 132 8.77 21.12 -19.87
CA ILE A 132 7.70 21.80 -19.15
C ILE A 132 6.60 20.79 -18.82
N ARG A 133 6.32 20.64 -17.52
CA ARG A 133 5.25 19.76 -17.06
C ARG A 133 3.91 20.18 -17.63
N TYR A 134 3.39 19.42 -18.60
CA TYR A 134 2.14 19.72 -19.26
C TYR A 134 1.19 18.55 -19.07
N CYS A 135 -0.11 18.85 -19.03
CA CYS A 135 -1.16 17.85 -18.85
C CYS A 135 -2.00 17.78 -20.11
N GLU A 136 -1.98 16.61 -20.77
CA GLU A 136 -2.71 16.46 -22.03
C GLU A 136 -4.21 16.37 -21.79
N LYS A 137 -4.64 15.75 -20.69
CA LYS A 137 -6.07 15.59 -20.45
C LYS A 137 -6.72 16.93 -20.10
N CYS A 138 -6.18 17.63 -19.11
CA CYS A 138 -6.73 18.91 -18.70
C CYS A 138 -6.38 20.05 -19.63
N GLN A 139 -5.39 19.87 -20.52
CA GLN A 139 -4.91 20.91 -21.42
C GLN A 139 -4.47 22.16 -20.65
N LEU A 140 -3.57 21.95 -19.69
CA LEU A 140 -2.99 23.04 -18.91
C LEU A 140 -1.54 22.71 -18.60
N ILE A 141 -0.83 23.69 -18.06
CA ILE A 141 0.55 23.51 -17.62
C ILE A 141 0.51 23.27 -16.11
N LYS A 142 1.01 22.11 -15.68
CA LYS A 142 0.93 21.74 -14.27
C LYS A 142 1.74 22.73 -13.42
N PRO A 143 1.13 23.31 -12.39
CA PRO A 143 1.91 24.11 -11.44
C PRO A 143 2.88 23.23 -10.65
N ASP A 144 3.73 23.89 -9.88
CA ASP A 144 4.70 23.18 -9.07
C ASP A 144 4.00 22.35 -7.99
N ARG A 145 4.58 21.18 -7.71
CA ARG A 145 4.07 20.22 -6.72
C ARG A 145 2.69 19.70 -7.08
N ALA A 146 2.09 20.21 -8.14
CA ALA A 146 0.79 19.75 -8.59
C ALA A 146 0.95 18.55 -9.50
N HIS A 147 -0.03 17.65 -9.45
CA HIS A 147 0.01 16.43 -10.25
C HIS A 147 -1.40 16.07 -10.67
N HIS A 148 -1.52 15.18 -11.66
CA HIS A 148 -2.81 14.74 -12.14
C HIS A 148 -3.19 13.43 -11.47
N CYS A 149 -4.44 13.35 -11.02
CA CYS A 149 -4.98 12.16 -10.37
C CYS A 149 -5.98 11.51 -11.31
N SER A 150 -5.74 10.24 -11.65
CA SER A 150 -6.63 9.53 -12.56
C SER A 150 -7.94 9.15 -11.90
N ALA A 151 -7.96 9.00 -10.57
CA ALA A 151 -9.20 8.75 -9.85
C ALA A 151 -10.06 10.01 -9.78
N CYS A 152 -9.45 11.16 -9.46
CA CYS A 152 -10.17 12.43 -9.42
C CYS A 152 -10.39 13.02 -10.81
N ASP A 153 -9.63 12.56 -11.80
CA ASP A 153 -9.71 13.08 -13.17
C ASP A 153 -9.53 14.59 -13.20
N SER A 154 -8.47 15.05 -12.54
CA SER A 154 -8.15 16.46 -12.44
C SER A 154 -6.73 16.59 -11.94
N CYS A 155 -6.18 17.81 -12.06
CA CYS A 155 -4.90 18.13 -11.46
C CYS A 155 -5.11 18.63 -10.04
N ILE A 156 -4.22 18.22 -9.13
CA ILE A 156 -4.34 18.48 -7.71
C ILE A 156 -3.14 19.31 -7.28
N LEU A 157 -3.40 20.46 -6.66
CA LEU A 157 -2.34 21.33 -6.20
C LEU A 157 -1.65 20.74 -4.97
N LYS A 158 -0.32 20.76 -4.98
CA LYS A 158 0.51 20.13 -3.96
C LYS A 158 -0.04 18.76 -3.58
N MET A 159 -0.31 17.95 -4.59
CA MET A 159 -0.88 16.62 -4.36
C MET A 159 0.08 15.77 -3.54
N ASP A 160 -0.46 15.10 -2.52
CA ASP A 160 0.33 14.18 -1.70
C ASP A 160 0.11 12.74 -2.15
N HIS A 161 -1.13 12.23 -2.03
CA HIS A 161 -1.51 10.91 -2.50
C HIS A 161 -3.02 10.77 -2.42
N HIS A 162 -3.57 9.92 -3.27
CA HIS A 162 -5.01 9.66 -3.27
C HIS A 162 -5.30 8.59 -2.22
N SER A 163 -5.71 9.03 -1.02
CA SER A 163 -5.98 8.11 0.08
C SER A 163 -7.39 7.55 -0.06
N PRO A 164 -7.52 6.27 -0.43
CA PRO A 164 -8.86 5.71 -0.69
C PRO A 164 -9.73 5.62 0.54
N TRP A 165 -9.15 5.64 1.74
CA TRP A 165 -9.93 5.52 2.96
C TRP A 165 -10.80 6.75 3.23
N VAL A 166 -10.51 7.88 2.57
CA VAL A 166 -11.35 9.07 2.64
C VAL A 166 -12.05 9.34 1.32
N ASN A 167 -11.86 8.48 0.31
CA ASN A 167 -12.48 8.62 -1.01
C ASN A 167 -12.22 10.01 -1.59
N ASN A 168 -11.00 10.48 -1.44
CA ASN A 168 -10.64 11.82 -1.92
C ASN A 168 -9.13 11.92 -2.01
N CYS A 169 -8.67 12.99 -2.65
CA CYS A 169 -7.26 13.28 -2.81
C CYS A 169 -6.75 14.09 -1.63
N VAL A 170 -5.53 13.79 -1.20
CA VAL A 170 -4.86 14.59 -0.18
C VAL A 170 -3.99 15.61 -0.89
N GLY A 171 -4.38 16.89 -0.86
CA GLY A 171 -3.74 17.97 -1.58
C GLY A 171 -3.46 19.15 -0.69
N PHE A 172 -3.41 20.31 -1.34
CA PHE A 172 -3.03 21.54 -0.63
C PHE A 172 -4.07 21.93 0.41
N SER A 173 -5.35 21.72 0.11
CA SER A 173 -6.41 22.15 1.01
C SER A 173 -6.71 21.10 2.09
N ASN A 174 -6.53 19.82 1.78
CA ASN A 174 -6.88 18.75 2.71
C ASN A 174 -5.77 18.37 3.67
N TYR A 175 -4.52 18.73 3.37
CA TYR A 175 -3.39 18.06 3.99
C TYR A 175 -3.42 18.21 5.51
N LYS A 176 -3.66 19.42 6.01
CA LYS A 176 -3.71 19.62 7.46
C LYS A 176 -4.82 18.79 8.09
N PHE A 177 -6.01 18.79 7.47
CA PHE A 177 -7.10 17.95 7.96
C PHE A 177 -6.70 16.48 7.95
N PHE A 178 -6.05 16.02 6.88
CA PHE A 178 -5.58 14.65 6.82
C PHE A 178 -4.57 14.37 7.93
N LEU A 179 -3.69 15.33 8.23
CA LEU A 179 -2.71 15.14 9.29
C LEU A 179 -3.38 15.07 10.65
N LEU A 180 -4.35 15.96 10.90
CA LEU A 180 -5.06 15.90 12.17
C LEU A 180 -5.93 14.66 12.28
N PHE A 181 -6.44 14.17 11.14
CA PHE A 181 -7.22 12.95 11.15
C PHE A 181 -6.37 11.75 11.58
N LEU A 182 -5.08 11.77 11.27
CA LEU A 182 -4.21 10.71 11.74
C LEU A 182 -3.86 10.90 13.21
N LEU A 183 -3.71 12.16 13.65
CA LEU A 183 -3.38 12.42 15.05
C LEU A 183 -4.50 11.98 15.96
N TYR A 184 -5.73 12.41 15.68
CA TYR A 184 -6.87 12.05 16.52
C TYR A 184 -7.22 10.58 16.41
N SER A 185 -6.83 9.91 15.32
CA SER A 185 -7.03 8.46 15.22
C SER A 185 -6.14 7.74 16.23
N LEU A 186 -4.88 8.15 16.33
CA LEU A 186 -3.99 7.56 17.34
C LEU A 186 -4.53 7.79 18.74
N LEU A 187 -4.90 9.03 19.05
CA LEU A 187 -5.37 9.36 20.39
C LEU A 187 -6.69 8.67 20.71
N TYR A 188 -7.63 8.67 19.76
CA TYR A 188 -8.87 7.93 19.96
C TYR A 188 -8.60 6.45 20.22
N CYS A 189 -7.64 5.87 19.50
CA CYS A 189 -7.31 4.47 19.73
C CYS A 189 -6.44 4.31 20.98
N LEU A 190 -5.54 5.26 21.23
CA LEU A 190 -4.69 5.17 22.43
C LEU A 190 -5.53 5.28 23.69
N PHE A 191 -6.45 6.26 23.74
CA PHE A 191 -7.32 6.39 24.89
C PHE A 191 -8.16 5.13 25.11
N VAL A 192 -8.74 4.58 24.04
CA VAL A 192 -9.56 3.38 24.16
C VAL A 192 -8.69 2.20 24.59
N ALA A 193 -7.54 2.02 23.93
CA ALA A 193 -6.65 0.92 24.30
C ALA A 193 -6.20 1.05 25.75
N ALA A 194 -5.86 2.26 26.19
CA ALA A 194 -5.40 2.43 27.57
C ALA A 194 -6.50 2.15 28.57
N THR A 195 -7.73 2.61 28.28
CA THR A 195 -8.81 2.47 29.25
C THR A 195 -9.41 1.06 29.26
N VAL A 196 -9.66 0.49 28.08
CA VAL A 196 -10.19 -0.88 28.00
C VAL A 196 -9.17 -1.92 28.44
N LEU A 197 -7.88 -1.55 28.55
CA LEU A 197 -6.86 -2.49 28.95
C LEU A 197 -7.13 -3.06 30.33
N GLU A 198 -7.49 -2.20 31.29
CA GLU A 198 -7.72 -2.66 32.66
C GLU A 198 -8.87 -3.67 32.72
N TYR A 199 -9.91 -3.45 31.91
CA TYR A 199 -11.07 -4.33 31.86
C TYR A 199 -10.92 -5.44 30.82
N PHE A 200 -9.93 -5.36 29.92
CA PHE A 200 -9.70 -6.44 28.97
C PHE A 200 -9.06 -7.64 29.65
N ILE A 201 -8.08 -7.39 30.53
CA ILE A 201 -7.40 -8.48 31.24
C ILE A 201 -8.36 -9.24 32.14
N LYS A 202 -9.32 -8.55 32.74
CA LYS A 202 -10.17 -9.17 33.76
C LYS A 202 -11.14 -10.17 33.15
N PHE A 203 -11.60 -9.89 31.95
CA PHE A 203 -12.63 -10.76 31.36
C PHE A 203 -12.01 -12.11 31.03
N TRP A 204 -10.71 -12.14 30.77
CA TRP A 204 -9.95 -13.38 30.46
C TRP A 204 -9.70 -14.17 31.74
N THR A 205 -9.72 -13.54 32.90
CA THR A 205 -9.55 -14.21 34.19
C THR A 205 -10.95 -14.42 34.73
N ASN A 206 -11.94 -14.41 33.86
CA ASN A 206 -13.37 -14.55 34.21
C ASN A 206 -13.76 -13.54 35.32
N GLU A 207 -12.97 -12.50 35.61
CA GLU A 207 -13.25 -11.60 36.77
C GLU A 207 -14.56 -10.88 36.51
N LEU A 208 -15.08 -10.92 35.29
CA LEU A 208 -16.45 -10.38 35.09
C LEU A 208 -17.12 -11.20 34.02
N THR A 209 -18.43 -11.27 34.09
CA THR A 209 -19.17 -12.13 33.12
C THR A 209 -20.48 -11.50 32.66
N ASP A 210 -20.43 -10.46 31.82
CA ASP A 210 -21.69 -9.91 31.25
C ASP A 210 -21.82 -10.55 29.87
N THR A 211 -22.61 -11.62 29.76
CA THR A 211 -22.61 -12.28 28.46
C THR A 211 -22.69 -11.27 27.31
N ARG A 212 -23.49 -10.22 27.45
CA ARG A 212 -23.65 -9.26 26.38
C ARG A 212 -22.47 -8.29 26.28
N ALA A 213 -21.80 -8.02 27.41
CA ALA A 213 -20.70 -7.07 27.41
C ALA A 213 -19.37 -7.69 26.98
N LYS A 214 -19.26 -9.01 27.05
CA LYS A 214 -18.01 -9.66 26.63
C LYS A 214 -17.69 -9.37 25.18
N PHE A 215 -18.68 -9.44 24.29
CA PHE A 215 -18.42 -9.32 22.86
C PHE A 215 -17.90 -7.94 22.50
N HIS A 216 -18.48 -6.89 23.07
CA HIS A 216 -18.13 -5.52 22.67
C HIS A 216 -16.83 -5.07 23.32
N VAL A 217 -16.62 -5.39 24.60
CA VAL A 217 -15.44 -4.90 25.29
C VAL A 217 -14.17 -5.50 24.69
N LEU A 218 -14.20 -6.79 24.36
CA LEU A 218 -12.99 -7.43 23.84
C LEU A 218 -12.67 -6.93 22.44
N PHE A 219 -13.69 -6.82 21.58
CA PHE A 219 -13.45 -6.29 20.24
C PHE A 219 -12.97 -4.85 20.28
N LEU A 220 -13.42 -4.07 21.27
CA LEU A 220 -12.97 -2.69 21.42
C LEU A 220 -11.46 -2.61 21.55
N PHE A 221 -10.87 -3.48 22.38
CA PHE A 221 -9.43 -3.41 22.60
C PHE A 221 -8.66 -3.80 21.35
N PHE A 222 -9.08 -4.88 20.68
CA PHE A 222 -8.35 -5.33 19.51
C PHE A 222 -8.48 -4.35 18.36
N VAL A 223 -9.71 -3.99 18.00
CA VAL A 223 -9.93 -3.05 16.90
C VAL A 223 -9.15 -1.75 17.12
N SER A 224 -9.17 -1.25 18.35
CA SER A 224 -8.41 -0.03 18.63
C SER A 224 -6.91 -0.30 18.65
N ALA A 225 -6.49 -1.53 18.97
CA ALA A 225 -5.07 -1.83 18.98
C ALA A 225 -4.53 -2.05 17.57
N MET A 226 -5.33 -2.68 16.70
CA MET A 226 -4.88 -2.90 15.33
C MET A 226 -4.79 -1.57 14.57
N PHE A 227 -5.78 -0.70 14.74
CA PHE A 227 -5.75 0.59 14.06
C PHE A 227 -4.61 1.46 14.56
N PHE A 228 -4.30 1.39 15.86
CA PHE A 228 -3.27 2.24 16.43
C PHE A 228 -1.90 1.91 15.82
N ILE A 229 -1.51 0.63 15.84
CA ILE A 229 -0.19 0.26 15.33
C ILE A 229 -0.12 0.50 13.82
N SER A 230 -1.25 0.40 13.12
CA SER A 230 -1.24 0.59 11.67
C SER A 230 -1.03 2.06 11.31
N VAL A 231 -1.85 2.96 11.84
CA VAL A 231 -1.73 4.36 11.49
C VAL A 231 -0.54 5.01 12.17
N LEU A 232 0.07 4.35 13.17
CA LEU A 232 1.24 4.92 13.82
C LEU A 232 2.41 5.04 12.84
N SER A 233 2.60 4.05 11.98
CA SER A 233 3.60 4.19 10.94
C SER A 233 3.18 5.22 9.91
N LEU A 234 1.90 5.23 9.53
CA LEU A 234 1.42 6.20 8.55
C LEU A 234 1.53 7.62 9.09
N PHE A 235 1.28 7.81 10.38
CA PHE A 235 1.45 9.13 10.99
C PHE A 235 2.92 9.52 11.06
N SER A 236 3.81 8.55 11.31
CA SER A 236 5.22 8.88 11.43
C SER A 236 5.84 9.24 10.09
N TYR A 237 5.30 8.70 8.99
CA TYR A 237 5.86 8.99 7.67
C TYR A 237 5.57 10.42 7.26
N HIS A 238 4.38 10.93 7.60
CA HIS A 238 4.01 12.29 7.19
C HIS A 238 4.66 13.35 8.07
N CYS A 239 4.97 13.02 9.33
CA CYS A 239 5.69 13.97 10.17
C CYS A 239 7.08 14.26 9.62
N TRP A 240 7.69 13.28 8.96
CA TRP A 240 8.96 13.48 8.28
C TRP A 240 8.76 14.29 6.99
N LEU A 241 7.70 13.99 6.25
CA LEU A 241 7.42 14.72 5.02
C LEU A 241 7.22 16.20 5.27
N VAL A 242 6.51 16.54 6.35
CA VAL A 242 6.26 17.94 6.65
C VAL A 242 7.57 18.64 7.03
N GLY A 243 8.41 17.97 7.82
CA GLY A 243 9.70 18.56 8.18
C GLY A 243 10.62 18.76 7.00
N LYS A 244 10.57 17.87 6.02
CA LYS A 244 11.36 18.00 4.81
C LYS A 244 10.66 18.79 3.71
N ASN A 245 9.41 19.19 3.94
CA ASN A 245 8.59 19.86 2.93
C ASN A 245 8.54 19.05 1.63
N ARG A 246 8.16 17.79 1.75
CA ARG A 246 8.02 16.88 0.62
C ARG A 246 6.62 16.30 0.64
N THR A 247 6.03 16.14 -0.54
CA THR A 247 4.82 15.35 -0.63
C THR A 247 5.18 13.87 -0.77
N THR A 248 4.16 13.01 -0.69
CA THR A 248 4.39 11.59 -0.92
C THR A 248 4.93 11.35 -2.32
N ILE A 249 4.38 12.07 -3.31
CA ILE A 249 4.85 11.93 -4.68
C ILE A 249 6.31 12.35 -4.79
N GLU A 250 6.69 13.42 -4.09
CA GLU A 250 8.05 13.93 -4.17
C GLU A 250 9.04 13.09 -3.39
N SER A 251 8.56 12.31 -2.41
CA SER A 251 9.44 11.36 -1.74
C SER A 251 9.80 10.20 -2.64
N PHE A 252 9.00 9.95 -3.69
CA PHE A 252 9.30 8.91 -4.65
C PHE A 252 10.19 9.41 -5.78
N ARG A 253 10.12 10.70 -6.09
CA ARG A 253 10.92 11.29 -7.17
C ARG A 253 11.17 12.73 -6.80
N ALA A 254 12.40 13.03 -6.38
CA ALA A 254 12.77 14.39 -6.04
C ALA A 254 12.55 15.28 -7.26
N PRO A 255 11.96 16.46 -7.08
CA PRO A 255 11.72 17.35 -8.23
C PRO A 255 13.03 17.89 -8.79
N THR A 256 13.00 18.25 -10.07
CA THR A 256 14.16 18.80 -10.76
C THR A 256 13.93 20.28 -11.02
N PHE A 257 14.86 21.10 -10.57
CA PHE A 257 14.81 22.54 -10.79
C PHE A 257 15.74 22.91 -11.93
N SER A 258 16.01 24.20 -12.08
CA SER A 258 16.93 24.66 -13.11
C SER A 258 18.36 24.23 -12.83
N TYR A 259 18.66 23.82 -11.60
CA TYR A 259 20.00 23.36 -11.23
C TYR A 259 20.04 21.86 -10.97
N GLY A 260 19.00 21.12 -11.35
CA GLY A 260 18.99 19.68 -11.20
C GLY A 260 18.06 19.19 -10.12
N PRO A 261 18.03 17.88 -9.92
CA PRO A 261 17.15 17.31 -8.88
C PRO A 261 17.59 17.74 -7.48
N ASP A 262 16.60 17.99 -6.63
CA ASP A 262 16.87 18.40 -5.25
C ASP A 262 15.67 18.01 -4.40
N GLY A 263 15.87 17.02 -3.51
CA GLY A 263 14.79 16.59 -2.63
C GLY A 263 14.40 17.61 -1.60
N ASN A 264 15.28 18.56 -1.30
CA ASN A 264 15.01 19.62 -0.32
C ASN A 264 14.86 20.98 -1.00
N GLY A 265 14.38 20.99 -2.24
CA GLY A 265 14.24 22.24 -2.97
C GLY A 265 13.17 23.16 -2.43
N PHE A 266 12.14 22.59 -1.80
CA PHE A 266 11.10 23.38 -1.16
C PHE A 266 11.33 23.53 0.35
N SER A 267 12.41 22.97 0.86
CA SER A 267 12.67 23.02 2.30
C SER A 267 13.08 24.43 2.72
N LEU A 268 12.41 24.95 3.75
CA LEU A 268 12.71 26.27 4.30
C LEU A 268 13.14 26.19 5.76
N GLY A 269 13.68 25.06 6.16
CA GLY A 269 13.92 24.80 7.57
C GLY A 269 12.81 23.98 8.18
N CYS A 270 13.13 23.23 9.24
CA CYS A 270 12.15 22.36 9.87
C CYS A 270 10.99 23.15 10.44
N SER A 271 11.28 24.27 11.12
CA SER A 271 10.22 25.02 11.78
C SER A 271 9.33 25.73 10.76
N LYS A 272 9.93 26.34 9.74
CA LYS A 272 9.15 27.09 8.76
C LYS A 272 8.30 26.17 7.88
N ASN A 273 8.73 24.92 7.68
CA ASN A 273 7.96 24.02 6.83
C ASN A 273 6.66 23.60 7.50
N TRP A 274 6.69 23.37 8.81
CA TRP A 274 5.46 22.97 9.51
C TRP A 274 4.41 24.05 9.42
N ARG A 275 4.82 25.32 9.57
CA ARG A 275 3.87 26.43 9.47
C ARG A 275 3.28 26.55 8.08
N GLN A 276 3.92 25.97 7.06
CA GLN A 276 3.38 26.01 5.71
C GLN A 276 2.04 25.30 5.62
N VAL A 277 1.85 24.27 6.44
CA VAL A 277 0.61 23.49 6.44
C VAL A 277 -0.33 23.95 7.55
N PHE A 278 0.20 24.25 8.74
CA PHE A 278 -0.65 24.54 9.89
C PHE A 278 -0.88 26.03 10.10
N GLY A 279 0.04 26.88 9.66
CA GLY A 279 -0.11 28.31 9.78
C GLY A 279 0.67 28.88 10.95
N ASP A 280 0.76 30.21 10.96
CA ASP A 280 1.48 30.93 11.99
C ASP A 280 0.63 31.24 13.22
N GLU A 281 -0.69 31.09 13.12
CA GLU A 281 -1.60 31.32 14.23
C GLU A 281 -1.78 30.02 15.00
N LYS A 282 -1.25 29.97 16.23
CA LYS A 282 -1.22 28.73 17.00
C LYS A 282 -2.62 28.18 17.29
N LYS A 283 -3.64 29.04 17.29
CA LYS A 283 -4.98 28.61 17.66
C LYS A 283 -5.60 27.67 16.62
N TYR A 284 -5.13 27.71 15.38
CA TYR A 284 -5.65 26.85 14.33
C TYR A 284 -4.85 25.56 14.16
N TRP A 285 -3.81 25.35 14.97
CA TRP A 285 -2.89 24.25 14.72
C TRP A 285 -3.56 22.89 14.89
N LEU A 286 -4.33 22.72 15.96
CA LEU A 286 -4.99 21.45 16.25
C LEU A 286 -6.45 21.43 15.82
N LEU A 287 -6.90 22.46 15.11
CA LEU A 287 -8.28 22.54 14.66
C LEU A 287 -8.38 22.27 13.17
N PRO A 288 -9.30 21.40 12.74
CA PRO A 288 -9.50 21.18 11.30
C PRO A 288 -10.23 22.34 10.62
N ILE A 289 -9.61 23.51 10.65
CA ILE A 289 -10.06 24.68 9.91
C ILE A 289 -8.91 25.14 9.05
N PHE A 290 -9.20 25.47 7.79
CA PHE A 290 -8.14 25.77 6.83
C PHE A 290 -7.22 26.87 7.36
N SER A 291 -5.94 26.54 7.47
CA SER A 291 -4.94 27.48 7.97
C SER A 291 -3.62 27.35 7.22
N SER A 292 -3.62 26.80 6.02
CA SER A 292 -2.39 26.57 5.27
C SER A 292 -2.00 27.81 4.49
N LEU A 293 -0.69 28.05 4.41
CA LEU A 293 -0.16 29.24 3.75
C LEU A 293 -0.07 29.03 2.24
N GLY A 294 -0.26 30.12 1.51
CA GLY A 294 -0.09 30.10 0.07
C GLY A 294 -1.38 29.89 -0.69
N ASP A 295 -1.22 29.85 -2.01
CA ASP A 295 -2.33 29.64 -2.93
C ASP A 295 -2.31 28.27 -3.59
N GLY A 296 -1.27 27.47 -3.38
CA GLY A 296 -1.18 26.15 -3.96
C GLY A 296 -0.58 26.09 -5.36
N CYS A 297 -0.47 27.22 -6.05
CA CYS A 297 0.12 27.28 -7.38
C CYS A 297 1.60 27.65 -7.38
N SER A 298 2.12 28.12 -6.24
CA SER A 298 3.50 28.53 -6.15
C SER A 298 3.95 28.40 -4.70
N PHE A 299 5.20 27.96 -4.51
CA PHE A 299 5.71 27.70 -3.17
C PHE A 299 7.14 28.23 -3.05
N PRO A 300 7.49 28.78 -1.89
CA PRO A 300 8.86 29.28 -1.71
C PRO A 300 9.88 28.16 -1.85
N THR A 301 11.01 28.49 -2.45
CA THR A 301 12.10 27.55 -2.66
C THR A 301 13.27 27.88 -1.73
N ARG A 302 14.12 26.88 -1.50
CA ARG A 302 15.28 27.10 -0.65
C ARG A 302 16.27 28.04 -1.31
N LEU A 303 16.49 27.88 -2.61
CA LEU A 303 17.40 28.75 -3.35
C LEU A 303 16.68 30.00 -3.85
N CYS B 17 24.99 -19.30 8.62
CA CYS B 17 25.18 -18.86 7.24
C CYS B 17 24.19 -17.76 6.84
N GLN B 18 23.28 -17.42 7.75
CA GLN B 18 22.11 -16.57 7.51
C GLN B 18 21.05 -17.30 6.69
N ARG B 19 21.44 -18.37 5.97
CA ARG B 19 20.45 -19.20 5.31
C ARG B 19 19.54 -19.90 6.32
N VAL B 20 20.13 -20.41 7.40
CA VAL B 20 19.35 -21.17 8.38
C VAL B 20 18.30 -20.28 9.04
N VAL B 21 18.71 -19.10 9.48
CA VAL B 21 17.77 -18.16 10.09
C VAL B 21 16.70 -17.71 9.11
N GLY B 22 16.96 -17.85 7.80
CA GLY B 22 15.94 -17.54 6.81
C GLY B 22 14.80 -18.54 6.75
N TRP B 23 15.02 -19.75 7.24
CA TRP B 23 13.98 -20.77 7.24
C TRP B 23 13.12 -20.72 8.50
N VAL B 24 13.34 -19.75 9.38
CA VAL B 24 12.52 -19.61 10.59
C VAL B 24 11.12 -19.08 10.23
N PRO B 25 10.96 -18.06 9.38
CA PRO B 25 9.60 -17.60 9.07
C PRO B 25 8.72 -18.65 8.40
N VAL B 26 9.30 -19.58 7.64
CA VAL B 26 8.46 -20.59 7.00
C VAL B 26 8.09 -21.70 7.99
N LEU B 27 8.94 -21.97 8.98
CA LEU B 27 8.60 -22.97 9.98
C LEU B 27 7.47 -22.49 10.86
N PHE B 28 7.45 -21.19 11.17
CA PHE B 28 6.32 -20.64 11.93
C PHE B 28 5.02 -20.81 11.16
N ILE B 29 5.01 -20.42 9.89
CA ILE B 29 3.81 -20.53 9.08
C ILE B 29 3.41 -22.00 8.91
N THR B 30 4.41 -22.88 8.78
CA THR B 30 4.11 -24.30 8.66
C THR B 30 3.37 -24.82 9.89
N PHE B 31 3.88 -24.48 11.09
CA PHE B 31 3.26 -24.98 12.31
C PHE B 31 1.88 -24.39 12.52
N VAL B 32 1.69 -23.11 12.19
CA VAL B 32 0.38 -22.48 12.33
C VAL B 32 -0.64 -23.14 11.42
N VAL B 33 -0.21 -23.54 10.22
CA VAL B 33 -1.13 -24.21 9.30
C VAL B 33 -1.36 -25.65 9.73
N VAL B 34 -0.30 -26.32 10.19
CA VAL B 34 -0.45 -27.67 10.71
C VAL B 34 -1.36 -27.67 11.93
N TRP B 35 -1.20 -26.68 12.82
CA TRP B 35 -2.09 -26.58 13.97
C TRP B 35 -3.52 -26.31 13.53
N SER B 36 -3.71 -25.50 12.48
CA SER B 36 -5.05 -25.17 12.04
C SER B 36 -5.76 -26.37 11.44
N TYR B 37 -5.02 -27.26 10.79
CA TYR B 37 -5.62 -28.47 10.24
C TYR B 37 -6.09 -29.41 11.35
N TYR B 38 -5.22 -29.63 12.35
CA TYR B 38 -5.62 -30.45 13.49
C TYR B 38 -6.75 -29.79 14.27
N ALA B 39 -6.71 -28.46 14.42
CA ALA B 39 -7.72 -27.77 15.21
C ALA B 39 -9.06 -27.75 14.49
N TYR B 40 -9.05 -27.49 13.18
CA TYR B 40 -10.31 -27.34 12.46
C TYR B 40 -11.00 -28.69 12.25
N VAL B 41 -10.22 -29.74 12.02
CA VAL B 41 -10.79 -31.06 11.73
C VAL B 41 -11.07 -31.84 13.02
N VAL B 42 -10.04 -32.02 13.84
CA VAL B 42 -10.19 -32.86 15.03
C VAL B 42 -10.99 -32.14 16.11
N GLU B 43 -10.47 -31.02 16.60
CA GLU B 43 -11.08 -30.38 17.77
C GLU B 43 -12.43 -29.75 17.43
N LEU B 44 -12.56 -29.20 16.22
CA LEU B 44 -13.77 -28.47 15.86
C LEU B 44 -14.83 -29.34 15.21
N CYS B 45 -14.46 -30.09 14.17
CA CYS B 45 -15.47 -30.85 13.42
C CYS B 45 -15.85 -32.15 14.12
N VAL B 46 -14.86 -32.87 14.65
CA VAL B 46 -15.10 -34.18 15.26
C VAL B 46 -15.59 -34.05 16.70
N PHE B 47 -14.92 -33.21 17.50
CA PHE B 47 -15.30 -33.07 18.91
C PHE B 47 -16.50 -32.14 19.09
N THR B 48 -16.48 -30.99 18.42
CA THR B 48 -17.49 -29.97 18.67
C THR B 48 -18.68 -30.06 17.72
N ILE B 49 -18.42 -29.96 16.41
CA ILE B 49 -19.51 -29.90 15.44
C ILE B 49 -20.25 -31.24 15.37
N PHE B 50 -19.53 -32.35 15.41
CA PHE B 50 -20.18 -33.65 15.43
C PHE B 50 -20.77 -33.97 16.81
N GLY B 51 -20.36 -33.25 17.85
CA GLY B 51 -20.82 -33.54 19.20
C GLY B 51 -22.25 -33.12 19.47
N ASN B 52 -22.85 -32.28 18.61
CA ASN B 52 -24.21 -31.81 18.83
C ASN B 52 -25.16 -32.19 17.71
N GLU B 53 -24.74 -33.05 16.78
CA GLU B 53 -25.61 -33.79 15.87
C GLU B 53 -26.36 -32.92 14.88
N GLU B 54 -25.85 -31.73 14.58
CA GLU B 54 -26.51 -30.90 13.58
C GLU B 54 -26.39 -31.57 12.21
N ASN B 55 -27.54 -31.79 11.58
CA ASN B 55 -27.58 -32.61 10.37
C ASN B 55 -26.99 -31.87 9.18
N GLY B 56 -26.02 -32.50 8.52
CA GLY B 56 -25.59 -32.06 7.21
C GLY B 56 -24.55 -30.97 7.19
N LYS B 57 -23.89 -30.68 8.31
CA LYS B 57 -22.90 -29.62 8.36
C LYS B 57 -21.48 -30.12 8.51
N THR B 58 -21.25 -31.20 9.27
CA THR B 58 -19.88 -31.65 9.51
C THR B 58 -19.20 -32.06 8.22
N VAL B 59 -19.92 -32.74 7.33
CA VAL B 59 -19.32 -33.23 6.10
C VAL B 59 -19.11 -32.09 5.12
N VAL B 60 -20.05 -31.14 5.05
CA VAL B 60 -19.97 -30.10 4.05
C VAL B 60 -18.86 -29.11 4.37
N TYR B 61 -18.42 -29.06 5.63
CA TYR B 61 -17.29 -28.20 5.98
C TYR B 61 -15.97 -28.90 5.74
N LEU B 62 -15.91 -30.21 6.00
CA LEU B 62 -14.67 -30.96 5.84
C LEU B 62 -14.26 -31.08 4.38
N VAL B 63 -15.24 -31.25 3.48
CA VAL B 63 -14.92 -31.32 2.06
C VAL B 63 -14.49 -29.95 1.55
N ALA B 64 -15.15 -28.88 2.03
CA ALA B 64 -14.78 -27.54 1.58
C ALA B 64 -13.48 -27.09 2.22
N PHE B 65 -13.25 -27.46 3.48
CA PHE B 65 -12.00 -27.08 4.14
C PHE B 65 -10.80 -27.70 3.45
N HIS B 66 -10.86 -29.00 3.18
CA HIS B 66 -9.76 -29.64 2.47
C HIS B 66 -9.53 -29.02 1.10
N LEU B 67 -10.60 -28.55 0.45
CA LEU B 67 -10.45 -27.95 -0.87
C LEU B 67 -9.66 -26.65 -0.78
N PHE B 68 -9.99 -25.80 0.20
CA PHE B 68 -9.21 -24.58 0.41
C PHE B 68 -7.82 -24.90 0.94
N PHE B 69 -7.71 -25.94 1.77
CA PHE B 69 -6.43 -26.23 2.41
C PHE B 69 -5.37 -26.65 1.39
N VAL B 70 -5.75 -27.48 0.42
CA VAL B 70 -4.77 -27.97 -0.54
C VAL B 70 -4.31 -26.85 -1.47
N MET B 71 -5.22 -25.96 -1.87
CA MET B 71 -4.84 -24.84 -2.73
C MET B 71 -3.93 -23.87 -2.00
N PHE B 72 -4.09 -23.74 -0.68
CA PHE B 72 -3.23 -22.85 0.08
C PHE B 72 -1.81 -23.42 0.18
N VAL B 73 -1.69 -24.69 0.55
CA VAL B 73 -0.37 -25.27 0.77
C VAL B 73 0.35 -25.52 -0.56
N TRP B 74 -0.41 -25.74 -1.65
CA TRP B 74 0.23 -25.99 -2.94
C TRP B 74 0.80 -24.70 -3.51
N SER B 75 0.09 -23.58 -3.35
CA SER B 75 0.60 -22.29 -3.82
C SER B 75 1.75 -21.81 -2.95
N TYR B 76 1.63 -21.98 -1.63
CA TYR B 76 2.71 -21.63 -0.72
C TYR B 76 3.96 -22.44 -1.02
N TRP B 77 3.80 -23.73 -1.31
CA TRP B 77 4.94 -24.56 -1.66
C TRP B 77 5.64 -24.03 -2.91
N MET B 78 4.85 -23.76 -3.97
CA MET B 78 5.43 -23.28 -5.22
C MET B 78 6.19 -21.97 -5.03
N THR B 79 5.63 -21.03 -4.27
CA THR B 79 6.31 -19.76 -4.05
C THR B 79 7.66 -19.95 -3.36
N ILE B 80 7.77 -20.96 -2.49
CA ILE B 80 9.01 -21.17 -1.75
C ILE B 80 10.08 -21.78 -2.65
N PHE B 81 9.77 -22.89 -3.31
CA PHE B 81 10.78 -23.71 -3.96
C PHE B 81 10.92 -23.43 -5.45
N THR B 82 10.14 -22.52 -6.03
CA THR B 82 10.38 -22.06 -7.39
C THR B 82 11.58 -21.12 -7.36
N SER B 83 12.71 -21.57 -7.88
CA SER B 83 13.90 -20.74 -7.85
C SER B 83 13.71 -19.50 -8.72
N PRO B 84 14.27 -18.36 -8.32
CA PRO B 84 14.09 -17.14 -9.11
C PRO B 84 14.86 -17.20 -10.42
N ALA B 85 14.28 -16.62 -11.46
CA ALA B 85 14.92 -16.63 -12.76
C ALA B 85 16.04 -15.60 -12.81
N SER B 86 17.11 -15.92 -13.53
CA SER B 86 18.28 -15.07 -13.69
C SER B 86 18.43 -14.66 -15.14
N PRO B 87 19.16 -13.58 -15.41
CA PRO B 87 19.34 -13.14 -16.80
C PRO B 87 20.10 -14.18 -17.61
N SER B 88 19.75 -14.27 -18.89
CA SER B 88 20.37 -15.24 -19.76
C SER B 88 21.82 -14.85 -20.06
N LYS B 89 22.54 -15.78 -20.70
CA LYS B 89 23.96 -15.57 -20.98
C LYS B 89 24.21 -14.47 -22.00
N GLU B 90 23.18 -14.03 -22.72
CA GLU B 90 23.37 -12.94 -23.68
C GLU B 90 23.65 -11.61 -22.99
N PHE B 91 23.14 -11.43 -21.77
CA PHE B 91 23.30 -10.17 -21.04
C PHE B 91 24.60 -10.09 -20.27
N TYR B 92 25.42 -11.13 -20.28
CA TYR B 92 26.72 -11.09 -19.63
C TYR B 92 27.76 -10.51 -20.59
N LEU B 93 28.69 -9.76 -20.01
CA LEU B 93 29.76 -9.17 -20.82
C LEU B 93 30.68 -10.25 -21.36
N SER B 94 30.91 -10.22 -22.67
CA SER B 94 31.84 -11.15 -23.29
C SER B 94 33.25 -10.92 -22.75
N ASN B 95 34.10 -11.93 -22.94
CA ASN B 95 35.48 -11.84 -22.46
C ASN B 95 36.22 -10.65 -23.07
N SER B 96 35.79 -10.18 -24.24
CA SER B 96 36.40 -9.01 -24.86
C SER B 96 35.91 -7.72 -24.22
N GLU B 97 34.60 -7.63 -23.94
CA GLU B 97 34.05 -6.43 -23.33
C GLU B 97 34.27 -6.38 -21.83
N LYS B 98 34.26 -7.53 -21.15
CA LYS B 98 34.50 -7.56 -19.71
C LYS B 98 35.95 -7.21 -19.38
N GLU B 99 36.88 -7.51 -20.28
CA GLU B 99 38.29 -7.18 -20.02
C GLU B 99 38.54 -5.69 -20.19
N ARG B 100 38.14 -5.12 -21.33
CA ARG B 100 38.36 -3.70 -21.57
C ARG B 100 37.61 -2.84 -20.56
N TYR B 101 36.46 -3.30 -20.08
CA TYR B 101 35.71 -2.52 -19.09
C TYR B 101 36.42 -2.54 -17.74
N GLU B 102 36.99 -3.69 -17.36
CA GLU B 102 37.70 -3.78 -16.08
C GLU B 102 38.97 -2.95 -16.07
N LYS B 103 39.63 -2.80 -17.21
CA LYS B 103 40.89 -2.07 -17.30
C LYS B 103 40.71 -0.60 -17.59
N GLU B 104 39.55 -0.21 -18.13
CA GLU B 104 39.28 1.19 -18.41
C GLU B 104 39.14 1.97 -17.10
N PHE B 105 39.82 3.12 -17.03
CA PHE B 105 39.83 3.91 -15.81
C PHE B 105 38.92 5.14 -15.87
N SER B 106 38.66 5.67 -17.07
CA SER B 106 37.75 6.80 -17.23
C SER B 106 36.31 6.32 -17.22
N GLN B 107 35.50 6.93 -16.35
CA GLN B 107 34.09 6.57 -16.25
C GLN B 107 33.34 6.84 -17.54
N GLU B 108 33.79 7.81 -18.34
CA GLU B 108 33.14 8.11 -19.61
C GLU B 108 33.42 7.02 -20.64
N ARG B 109 34.67 6.55 -20.70
CA ARG B 109 35.04 5.57 -21.72
C ARG B 109 34.51 4.18 -21.39
N GLN B 110 34.46 3.81 -20.11
CA GLN B 110 33.91 2.51 -19.73
C GLN B 110 32.41 2.43 -19.97
N GLN B 111 31.74 3.59 -20.02
CA GLN B 111 30.32 3.61 -20.31
C GLN B 111 30.04 3.24 -21.76
N GLU B 112 30.96 3.58 -22.67
CA GLU B 112 30.78 3.24 -24.06
C GLU B 112 30.86 1.74 -24.29
N ILE B 113 31.66 1.04 -23.49
CA ILE B 113 31.73 -0.42 -23.61
C ILE B 113 30.40 -1.05 -23.25
N LEU B 114 29.74 -0.51 -22.21
CA LEU B 114 28.43 -1.01 -21.82
C LEU B 114 27.36 -0.59 -22.82
N ARG B 115 27.50 0.59 -23.42
CA ARG B 115 26.46 1.08 -24.33
C ARG B 115 26.45 0.30 -25.63
N ARG B 116 27.62 -0.04 -26.17
CA ARG B 116 27.67 -0.82 -27.40
C ARG B 116 27.11 -2.22 -27.18
N ALA B 117 27.37 -2.80 -26.01
CA ALA B 117 26.79 -4.10 -25.69
C ALA B 117 25.28 -4.01 -25.56
N ALA B 118 24.77 -2.86 -25.08
CA ALA B 118 23.33 -2.72 -24.88
C ALA B 118 22.57 -2.61 -26.20
N ARG B 119 23.27 -2.29 -27.30
CA ARG B 119 22.57 -2.18 -28.57
C ARG B 119 22.14 -3.55 -29.10
N ALA B 120 22.86 -4.61 -28.74
CA ALA B 120 22.53 -5.97 -29.15
C ALA B 120 21.58 -6.65 -28.18
N LEU B 121 21.04 -5.91 -27.21
CA LEU B 121 20.15 -6.46 -26.20
C LEU B 121 18.86 -5.66 -26.17
N PRO B 122 17.75 -6.31 -25.81
CA PRO B 122 16.45 -5.60 -25.72
C PRO B 122 16.33 -4.77 -24.44
N ILE B 123 17.17 -3.74 -24.34
CA ILE B 123 17.25 -2.88 -23.18
C ILE B 123 16.70 -1.52 -23.57
N TYR B 124 15.67 -1.07 -22.85
CA TYR B 124 15.03 0.20 -23.10
C TYR B 124 15.02 1.13 -21.89
N THR B 125 15.66 0.75 -20.79
CA THR B 125 15.70 1.58 -19.60
C THR B 125 17.14 1.82 -19.19
N THR B 126 17.36 2.93 -18.49
CA THR B 126 18.68 3.32 -18.00
C THR B 126 18.57 3.73 -16.54
N SER B 127 19.71 4.10 -15.95
CA SER B 127 19.74 4.58 -14.58
C SER B 127 19.11 5.96 -14.49
N ALA B 128 19.07 6.49 -13.26
CA ALA B 128 18.50 7.82 -13.06
C ALA B 128 19.36 8.91 -13.68
N SER B 129 20.66 8.65 -13.85
CA SER B 129 21.58 9.58 -14.48
C SER B 129 21.86 9.22 -15.94
N LYS B 130 20.91 8.56 -16.61
CA LYS B 130 21.05 8.14 -18.00
C LYS B 130 22.22 7.18 -18.20
N THR B 131 22.51 6.37 -17.19
CA THR B 131 23.62 5.43 -17.21
C THR B 131 23.10 4.03 -17.52
N ILE B 132 23.87 3.26 -18.30
CA ILE B 132 23.51 1.89 -18.61
C ILE B 132 23.48 1.08 -17.33
N ARG B 133 22.33 0.45 -17.06
CA ARG B 133 22.17 -0.35 -15.86
C ARG B 133 23.12 -1.54 -15.87
N TYR B 134 24.14 -1.50 -15.02
CA TYR B 134 25.18 -2.53 -14.97
C TYR B 134 25.35 -2.99 -13.54
N CYS B 135 25.54 -4.30 -13.37
CA CYS B 135 25.74 -4.90 -12.05
C CYS B 135 27.23 -5.23 -11.90
N GLU B 136 27.90 -4.52 -10.97
CA GLU B 136 29.32 -4.73 -10.79
C GLU B 136 29.62 -6.06 -10.13
N LYS B 137 28.72 -6.56 -9.27
CA LYS B 137 28.95 -7.83 -8.59
C LYS B 137 28.83 -9.00 -9.56
N CYS B 138 27.69 -9.13 -10.24
CA CYS B 138 27.49 -10.20 -11.20
C CYS B 138 28.28 -10.01 -12.49
N GLN B 139 28.79 -8.80 -12.72
CA GLN B 139 29.50 -8.45 -13.95
C GLN B 139 28.63 -8.69 -15.18
N LEU B 140 27.38 -8.22 -15.12
CA LEU B 140 26.45 -8.33 -16.22
C LEU B 140 25.69 -7.02 -16.37
N ILE B 141 25.06 -6.85 -17.53
CA ILE B 141 24.23 -5.69 -17.80
C ILE B 141 22.79 -6.04 -17.44
N LYS B 142 22.27 -5.36 -16.43
CA LYS B 142 20.93 -5.66 -15.92
C LYS B 142 19.89 -5.48 -17.03
N PRO B 143 19.07 -6.48 -17.30
CA PRO B 143 17.94 -6.28 -18.22
C PRO B 143 16.90 -5.36 -17.60
N ASP B 144 15.89 -5.02 -18.39
CA ASP B 144 14.79 -4.21 -17.91
C ASP B 144 14.02 -4.95 -16.82
N ARG B 145 13.51 -4.19 -15.85
CA ARG B 145 12.77 -4.63 -14.67
C ARG B 145 13.55 -5.64 -13.82
N ALA B 146 14.81 -5.91 -14.14
CA ALA B 146 15.59 -6.83 -13.32
C ALA B 146 16.44 -6.04 -12.33
N HIS B 147 16.56 -6.59 -11.11
CA HIS B 147 17.31 -5.94 -10.06
C HIS B 147 18.13 -6.98 -9.30
N HIS B 148 19.23 -6.53 -8.71
CA HIS B 148 20.11 -7.39 -7.95
C HIS B 148 19.64 -7.48 -6.50
N CYS B 149 19.68 -8.68 -5.94
CA CYS B 149 19.27 -8.93 -4.56
C CYS B 149 20.49 -9.31 -3.74
N SER B 150 20.71 -8.59 -2.64
CA SER B 150 21.83 -8.88 -1.76
C SER B 150 21.59 -10.12 -0.91
N ALA B 151 20.35 -10.57 -0.80
CA ALA B 151 20.04 -11.80 -0.07
C ALA B 151 20.24 -13.03 -0.95
N CYS B 152 19.74 -12.98 -2.19
CA CYS B 152 19.88 -14.09 -3.12
C CYS B 152 21.24 -14.10 -3.83
N ASP B 153 21.97 -12.98 -3.79
CA ASP B 153 23.27 -12.84 -4.45
C ASP B 153 23.16 -13.17 -5.94
N SER B 154 22.16 -12.59 -6.59
CA SER B 154 21.90 -12.80 -8.01
C SER B 154 20.90 -11.76 -8.48
N CYS B 155 20.88 -11.53 -9.79
CA CYS B 155 19.91 -10.63 -10.41
C CYS B 155 18.61 -11.38 -10.68
N ILE B 156 17.49 -10.77 -10.29
CA ILE B 156 16.18 -11.39 -10.38
C ILE B 156 15.40 -10.71 -11.49
N LEU B 157 14.94 -11.50 -12.46
CA LEU B 157 14.15 -10.95 -13.56
C LEU B 157 12.77 -10.52 -13.07
N LYS B 158 12.34 -9.33 -13.47
CA LYS B 158 11.10 -8.72 -13.01
C LYS B 158 10.93 -8.87 -11.51
N MET B 159 11.97 -8.47 -10.79
CA MET B 159 11.97 -8.59 -9.33
C MET B 159 10.87 -7.72 -8.73
N ASP B 160 9.98 -8.34 -7.95
CA ASP B 160 8.93 -7.62 -7.24
C ASP B 160 9.40 -7.20 -5.85
N HIS B 161 9.72 -8.17 -5.00
CA HIS B 161 10.29 -7.95 -3.69
C HIS B 161 10.75 -9.29 -3.12
N HIS B 162 11.64 -9.24 -2.14
CA HIS B 162 12.10 -10.45 -1.46
C HIS B 162 11.17 -10.71 -0.28
N SER B 163 10.25 -11.66 -0.44
CA SER B 163 9.28 -11.96 0.61
C SER B 163 9.94 -12.85 1.67
N PRO B 164 10.05 -12.40 2.91
CA PRO B 164 10.69 -13.23 3.94
C PRO B 164 9.82 -14.37 4.43
N TRP B 165 8.51 -14.33 4.18
N TRP B 165 8.51 -14.34 4.19
CA TRP B 165 7.61 -15.39 4.61
CA TRP B 165 7.63 -15.39 4.63
C TRP B 165 7.71 -16.64 3.75
C TRP B 165 7.70 -16.64 3.74
N VAL B 166 8.39 -16.56 2.60
CA VAL B 166 8.61 -17.71 1.74
C VAL B 166 10.08 -18.01 1.53
N ASN B 167 10.98 -17.25 2.17
CA ASN B 167 12.42 -17.45 2.08
C ASN B 167 12.88 -17.51 0.62
N ASN B 168 12.33 -16.62 -0.21
CA ASN B 168 12.64 -16.60 -1.63
C ASN B 168 12.26 -15.23 -2.19
N CYS B 169 12.85 -14.91 -3.34
CA CYS B 169 12.54 -13.68 -4.05
C CYS B 169 11.31 -13.90 -4.92
N VAL B 170 10.47 -12.86 -5.00
CA VAL B 170 9.28 -12.89 -5.84
C VAL B 170 9.65 -12.22 -7.16
N GLY B 171 9.88 -13.02 -8.19
CA GLY B 171 10.32 -12.53 -9.49
C GLY B 171 9.42 -12.96 -10.62
N PHE B 172 10.00 -13.15 -11.80
CA PHE B 172 9.20 -13.43 -12.99
C PHE B 172 8.55 -14.81 -12.91
N SER B 173 9.27 -15.79 -12.35
CA SER B 173 8.72 -17.14 -12.23
C SER B 173 7.84 -17.31 -11.01
N ASN B 174 8.07 -16.52 -9.94
CA ASN B 174 7.34 -16.66 -8.69
C ASN B 174 6.06 -15.83 -8.63
N TYR B 175 5.97 -14.75 -9.40
CA TYR B 175 4.94 -13.73 -9.16
C TYR B 175 3.54 -14.34 -9.10
N LYS B 176 3.15 -15.09 -10.13
CA LYS B 176 1.80 -15.64 -10.14
C LYS B 176 1.60 -16.66 -9.02
N PHE B 177 2.67 -17.34 -8.61
CA PHE B 177 2.57 -18.26 -7.48
C PHE B 177 2.39 -17.50 -6.18
N PHE B 178 3.08 -16.37 -6.04
CA PHE B 178 2.96 -15.55 -4.84
C PHE B 178 1.56 -14.96 -4.72
N LEU B 179 1.00 -14.48 -5.83
CA LEU B 179 -0.32 -13.86 -5.80
C LEU B 179 -1.41 -14.87 -5.44
N LEU B 180 -1.34 -16.07 -6.02
CA LEU B 180 -2.29 -17.12 -5.66
C LEU B 180 -2.13 -17.51 -4.19
N PHE B 181 -0.90 -17.51 -3.69
CA PHE B 181 -0.67 -17.80 -2.28
C PHE B 181 -1.40 -16.81 -1.39
N LEU B 182 -1.42 -15.53 -1.79
CA LEU B 182 -2.18 -14.52 -1.05
C LEU B 182 -3.68 -14.79 -1.16
N LEU B 183 -4.17 -15.01 -2.38
CA LEU B 183 -5.60 -15.23 -2.58
C LEU B 183 -6.11 -16.42 -1.78
N TYR B 184 -5.39 -17.55 -1.85
CA TYR B 184 -5.81 -18.71 -1.09
C TYR B 184 -5.61 -18.51 0.42
N SER B 185 -4.68 -17.64 0.82
CA SER B 185 -4.60 -17.25 2.22
C SER B 185 -5.87 -16.53 2.65
N LEU B 186 -6.41 -15.68 1.77
CA LEU B 186 -7.63 -14.95 2.11
C LEU B 186 -8.82 -15.89 2.21
N LEU B 187 -8.97 -16.80 1.25
CA LEU B 187 -10.14 -17.68 1.24
C LEU B 187 -10.05 -18.72 2.34
N TYR B 188 -8.84 -19.22 2.62
CA TYR B 188 -8.67 -20.14 3.74
C TYR B 188 -9.00 -19.46 5.07
N CYS B 189 -8.51 -18.24 5.28
CA CYS B 189 -8.83 -17.51 6.51
C CYS B 189 -10.28 -17.07 6.53
N LEU B 190 -10.82 -16.65 5.39
CA LEU B 190 -12.21 -16.23 5.33
C LEU B 190 -13.14 -17.39 5.64
N PHE B 191 -12.88 -18.55 5.03
CA PHE B 191 -13.72 -19.72 5.25
C PHE B 191 -13.68 -20.16 6.72
N VAL B 192 -12.47 -20.29 7.28
CA VAL B 192 -12.35 -20.71 8.68
C VAL B 192 -13.04 -19.70 9.59
N ALA B 193 -12.77 -18.42 9.39
CA ALA B 193 -13.34 -17.40 10.26
C ALA B 193 -14.87 -17.37 10.15
N ALA B 194 -15.40 -17.44 8.93
CA ALA B 194 -16.85 -17.37 8.77
C ALA B 194 -17.56 -18.62 9.27
N THR B 195 -16.88 -19.77 9.28
CA THR B 195 -17.49 -21.01 9.75
C THR B 195 -17.33 -21.21 11.26
N VAL B 196 -16.19 -20.81 11.82
CA VAL B 196 -15.99 -20.88 13.27
C VAL B 196 -16.77 -19.78 13.99
N LEU B 197 -17.23 -18.75 13.26
CA LEU B 197 -17.92 -17.63 13.88
C LEU B 197 -19.17 -18.07 14.62
N GLU B 198 -19.96 -18.96 14.02
CA GLU B 198 -21.20 -19.39 14.66
C GLU B 198 -20.96 -20.20 15.93
N TYR B 199 -19.79 -20.85 16.03
CA TYR B 199 -19.46 -21.66 17.19
C TYR B 199 -18.52 -20.94 18.16
N PHE B 200 -17.87 -19.87 17.73
CA PHE B 200 -17.14 -19.03 18.65
C PHE B 200 -18.07 -18.34 19.64
N ILE B 201 -19.31 -18.09 19.23
CA ILE B 201 -20.29 -17.44 20.08
C ILE B 201 -20.82 -18.41 21.14
N LYS B 202 -20.98 -19.69 20.77
CA LYS B 202 -21.62 -20.68 21.64
C LYS B 202 -20.77 -21.00 22.86
N PHE B 203 -19.45 -20.91 22.75
CA PHE B 203 -18.60 -21.13 23.91
C PHE B 203 -18.65 -19.95 24.88
N TRP B 204 -19.09 -18.78 24.42
CA TRP B 204 -19.16 -17.62 25.31
C TRP B 204 -20.48 -17.57 26.05
N THR B 205 -21.61 -17.68 25.34
CA THR B 205 -22.89 -17.83 26.01
C THR B 205 -23.01 -19.16 26.75
N ASN B 206 -21.98 -20.01 26.66
CA ASN B 206 -21.87 -21.28 27.39
C ASN B 206 -22.96 -22.28 26.99
N GLU B 207 -23.30 -22.29 25.70
CA GLU B 207 -24.01 -23.45 25.17
C GLU B 207 -23.09 -24.65 25.08
N LEU B 208 -21.79 -24.40 24.89
CA LEU B 208 -20.75 -25.42 24.91
C LEU B 208 -19.65 -24.98 25.88
N THR B 209 -19.03 -25.95 26.54
CA THR B 209 -18.04 -25.64 27.56
C THR B 209 -16.91 -26.67 27.61
N ASP B 210 -16.69 -27.41 26.52
CA ASP B 210 -15.68 -28.46 26.49
C ASP B 210 -14.32 -27.90 26.87
N THR B 211 -13.75 -28.41 27.98
CA THR B 211 -12.42 -27.95 28.36
C THR B 211 -11.36 -28.40 27.38
N ARG B 212 -11.54 -29.55 26.72
CA ARG B 212 -10.47 -30.05 25.87
C ARG B 212 -10.43 -29.36 24.51
N ALA B 213 -11.56 -28.80 24.07
CA ALA B 213 -11.69 -28.27 22.72
C ALA B 213 -12.00 -26.79 22.64
N LYS B 214 -12.39 -26.15 23.75
CA LYS B 214 -12.74 -24.73 23.71
C LYS B 214 -11.55 -23.88 23.28
N PHE B 215 -10.36 -24.19 23.80
CA PHE B 215 -9.19 -23.34 23.57
C PHE B 215 -8.75 -23.35 22.11
N HIS B 216 -8.90 -24.49 21.44
CA HIS B 216 -8.50 -24.55 20.03
C HIS B 216 -9.49 -23.80 19.14
N VAL B 217 -10.79 -23.83 19.48
CA VAL B 217 -11.79 -23.22 18.63
C VAL B 217 -11.67 -21.70 18.66
N LEU B 218 -11.28 -21.14 19.81
CA LEU B 218 -11.18 -19.68 19.91
C LEU B 218 -10.07 -19.14 19.02
N PHE B 219 -8.84 -19.67 19.18
CA PHE B 219 -7.71 -19.15 18.41
C PHE B 219 -7.93 -19.22 16.92
N LEU B 220 -8.68 -20.22 16.45
CA LEU B 220 -9.00 -20.32 15.04
C LEU B 220 -9.67 -19.06 14.53
N PHE B 221 -10.61 -18.51 15.31
CA PHE B 221 -11.32 -17.32 14.86
C PHE B 221 -10.46 -16.08 14.98
N PHE B 222 -9.49 -16.08 15.89
CA PHE B 222 -8.65 -14.90 16.06
C PHE B 222 -7.46 -14.94 15.09
N VAL B 223 -6.79 -16.10 15.00
CA VAL B 223 -5.63 -16.21 14.13
C VAL B 223 -6.04 -16.07 12.67
N SER B 224 -7.18 -16.66 12.29
CA SER B 224 -7.64 -16.51 10.91
C SER B 224 -8.07 -15.08 10.61
N ALA B 225 -8.66 -14.39 11.60
CA ALA B 225 -9.13 -13.03 11.35
C ALA B 225 -7.99 -12.03 11.37
N MET B 226 -6.96 -12.27 12.18
CA MET B 226 -5.83 -11.36 12.22
C MET B 226 -4.94 -11.54 10.99
N PHE B 227 -4.87 -12.75 10.44
CA PHE B 227 -4.15 -12.98 9.20
C PHE B 227 -4.94 -12.52 7.99
N PHE B 228 -6.27 -12.60 8.06
CA PHE B 228 -7.10 -12.15 6.94
C PHE B 228 -6.91 -10.65 6.70
N ILE B 229 -7.10 -9.83 7.74
CA ILE B 229 -6.96 -8.39 7.57
C ILE B 229 -5.52 -8.03 7.22
N SER B 230 -4.55 -8.83 7.67
CA SER B 230 -3.15 -8.53 7.38
C SER B 230 -2.84 -8.70 5.89
N VAL B 231 -3.05 -9.91 5.37
CA VAL B 231 -2.75 -10.14 3.96
C VAL B 231 -3.74 -9.45 3.02
N LEU B 232 -4.92 -9.07 3.53
CA LEU B 232 -5.91 -8.44 2.67
C LEU B 232 -5.38 -7.15 2.06
N SER B 233 -4.73 -6.31 2.87
CA SER B 233 -4.07 -5.13 2.32
C SER B 233 -2.96 -5.53 1.36
N LEU B 234 -2.18 -6.55 1.73
CA LEU B 234 -1.12 -7.04 0.85
C LEU B 234 -1.68 -7.58 -0.46
N PHE B 235 -2.89 -8.12 -0.43
CA PHE B 235 -3.51 -8.64 -1.65
C PHE B 235 -4.09 -7.51 -2.49
N SER B 236 -4.66 -6.49 -1.85
CA SER B 236 -5.22 -5.36 -2.59
C SER B 236 -4.13 -4.54 -3.27
N TYR B 237 -2.98 -4.38 -2.61
CA TYR B 237 -1.87 -3.65 -3.20
C TYR B 237 -1.46 -4.23 -4.54
N HIS B 238 -1.36 -5.57 -4.61
CA HIS B 238 -0.86 -6.21 -5.82
C HIS B 238 -1.93 -6.31 -6.90
N CYS B 239 -3.20 -6.38 -6.54
CA CYS B 239 -4.25 -6.23 -7.54
C CYS B 239 -4.14 -4.88 -8.25
N TRP B 240 -3.71 -3.85 -7.52
CA TRP B 240 -3.51 -2.55 -8.11
C TRP B 240 -2.19 -2.47 -8.87
N LEU B 241 -1.17 -3.22 -8.43
CA LEU B 241 0.09 -3.26 -9.16
C LEU B 241 -0.07 -3.97 -10.50
N VAL B 242 -0.84 -5.06 -10.51
CA VAL B 242 -0.99 -5.87 -11.73
C VAL B 242 -1.82 -5.11 -12.76
N GLY B 243 -2.88 -4.43 -12.32
CA GLY B 243 -3.64 -3.60 -13.24
C GLY B 243 -2.80 -2.51 -13.87
N LYS B 244 -1.87 -1.93 -13.11
CA LYS B 244 -0.97 -0.90 -13.60
C LYS B 244 0.32 -1.46 -14.18
N ASN B 245 0.54 -2.78 -14.06
CA ASN B 245 1.72 -3.45 -14.58
C ASN B 245 3.01 -2.90 -13.95
N ARG B 246 3.00 -2.78 -12.63
CA ARG B 246 4.13 -2.29 -11.87
C ARG B 246 4.55 -3.34 -10.87
N THR B 247 5.85 -3.44 -10.62
CA THR B 247 6.35 -4.21 -9.49
C THR B 247 6.38 -3.33 -8.24
N THR B 248 6.65 -3.96 -7.10
CA THR B 248 6.76 -3.21 -5.85
C THR B 248 7.90 -2.20 -5.92
N ILE B 249 8.98 -2.55 -6.59
CA ILE B 249 10.09 -1.60 -6.75
C ILE B 249 9.70 -0.46 -7.66
N GLU B 250 8.98 -0.78 -8.75
CA GLU B 250 8.62 0.25 -9.72
C GLU B 250 7.61 1.24 -9.16
N SER B 251 6.84 0.84 -8.15
CA SER B 251 5.89 1.77 -7.55
C SER B 251 6.60 2.87 -6.76
N PHE B 252 7.79 2.57 -6.22
CA PHE B 252 8.59 3.51 -5.45
C PHE B 252 9.64 4.23 -6.28
N ARG B 253 10.27 3.53 -7.23
CA ARG B 253 11.25 4.12 -8.15
C ARG B 253 10.84 3.73 -9.56
N ALA B 254 10.09 4.60 -10.22
CA ALA B 254 9.62 4.28 -11.57
C ALA B 254 10.83 4.18 -12.51
N PRO B 255 10.80 3.25 -13.45
CA PRO B 255 11.94 3.10 -14.37
C PRO B 255 12.02 4.27 -15.34
N THR B 256 13.26 4.59 -15.71
CA THR B 256 13.55 5.74 -16.56
C THR B 256 13.79 5.27 -18.00
N PHE B 257 12.97 5.75 -18.92
CA PHE B 257 13.08 5.42 -20.33
C PHE B 257 13.86 6.52 -21.06
N SER B 258 13.91 6.43 -22.39
CA SER B 258 14.63 7.44 -23.18
C SER B 258 13.93 8.79 -23.12
N TYR B 259 12.61 8.80 -23.00
CA TYR B 259 11.83 10.03 -22.93
C TYR B 259 11.58 10.48 -21.50
N GLY B 260 12.34 9.96 -20.53
CA GLY B 260 12.19 10.35 -19.15
C GLY B 260 11.52 9.28 -18.30
N PRO B 261 11.40 9.54 -17.00
CA PRO B 261 10.73 8.55 -16.13
C PRO B 261 9.26 8.39 -16.48
N ASP B 262 8.79 7.14 -16.37
CA ASP B 262 7.40 6.80 -16.69
C ASP B 262 7.03 5.56 -15.88
N GLY B 263 6.13 5.74 -14.91
CA GLY B 263 5.65 4.62 -14.12
C GLY B 263 4.59 3.79 -14.80
N ASN B 264 4.21 4.15 -16.02
CA ASN B 264 3.30 3.37 -16.85
C ASN B 264 3.96 2.99 -18.16
N GLY B 265 5.29 2.85 -18.17
CA GLY B 265 5.99 2.54 -19.40
C GLY B 265 5.70 1.15 -19.94
N PHE B 266 5.36 0.22 -19.06
CA PHE B 266 5.08 -1.16 -19.43
C PHE B 266 3.59 -1.49 -19.48
N SER B 267 2.73 -0.52 -19.21
CA SER B 267 1.29 -0.78 -19.17
C SER B 267 0.75 -1.03 -20.57
N LEU B 268 -0.10 -2.06 -20.70
CA LEU B 268 -0.72 -2.42 -21.96
C LEU B 268 -2.25 -2.46 -21.85
N GLY B 269 -2.82 -1.75 -20.88
CA GLY B 269 -4.23 -1.83 -20.59
C GLY B 269 -4.50 -2.81 -19.47
N CYS B 270 -5.53 -2.55 -18.65
CA CYS B 270 -5.73 -3.36 -17.46
C CYS B 270 -5.97 -4.83 -17.82
N SER B 271 -6.66 -5.07 -18.94
CA SER B 271 -6.97 -6.45 -19.32
C SER B 271 -5.71 -7.18 -19.76
N LYS B 272 -4.90 -6.55 -20.61
CA LYS B 272 -3.69 -7.19 -21.09
C LYS B 272 -2.58 -7.23 -20.03
N ASN B 273 -2.61 -6.31 -19.07
CA ASN B 273 -1.61 -6.33 -18.00
C ASN B 273 -1.73 -7.60 -17.16
N TRP B 274 -2.96 -8.01 -16.84
CA TRP B 274 -3.14 -9.21 -16.05
C TRP B 274 -2.68 -10.44 -16.80
N ARG B 275 -2.96 -10.51 -18.09
CA ARG B 275 -2.56 -11.66 -18.90
C ARG B 275 -1.05 -11.77 -19.02
N GLN B 276 -0.31 -10.68 -18.80
CA GLN B 276 1.14 -10.76 -18.82
C GLN B 276 1.68 -11.65 -17.72
N VAL B 277 0.93 -11.76 -16.62
CA VAL B 277 1.35 -12.56 -15.48
C VAL B 277 0.62 -13.90 -15.44
N PHE B 278 -0.64 -13.92 -15.87
CA PHE B 278 -1.47 -15.12 -15.78
C PHE B 278 -1.58 -15.89 -17.08
N GLY B 279 -1.36 -15.24 -18.23
CA GLY B 279 -1.44 -15.90 -19.51
C GLY B 279 -2.82 -15.83 -20.12
N ASP B 280 -2.92 -16.42 -21.32
CA ASP B 280 -4.18 -16.44 -22.05
C ASP B 280 -4.96 -17.74 -21.88
N GLU B 281 -4.31 -18.79 -21.38
CA GLU B 281 -4.99 -20.06 -21.09
C GLU B 281 -5.74 -19.93 -19.77
N LYS B 282 -7.08 -20.00 -19.82
CA LYS B 282 -7.87 -19.78 -18.62
C LYS B 282 -7.76 -20.94 -17.63
N LYS B 283 -7.31 -22.11 -18.08
CA LYS B 283 -7.22 -23.27 -17.20
C LYS B 283 -6.01 -23.22 -16.28
N TYR B 284 -5.11 -22.27 -16.45
CA TYR B 284 -3.97 -22.10 -15.56
C TYR B 284 -4.04 -20.82 -14.73
N TRP B 285 -5.15 -20.08 -14.78
CA TRP B 285 -5.23 -18.81 -14.07
C TRP B 285 -5.24 -19.01 -12.56
N LEU B 286 -6.07 -19.92 -12.07
CA LEU B 286 -6.19 -20.20 -10.65
C LEU B 286 -5.31 -21.37 -10.19
N LEU B 287 -4.57 -22.00 -11.09
CA LEU B 287 -3.68 -23.06 -10.62
C LEU B 287 -2.24 -22.56 -10.57
N PRO B 288 -1.45 -22.97 -9.54
CA PRO B 288 -0.07 -22.52 -9.42
C PRO B 288 0.90 -23.22 -10.38
N ILE B 289 0.54 -23.22 -11.66
CA ILE B 289 1.38 -23.74 -12.74
C ILE B 289 1.81 -22.56 -13.59
N PHE B 290 3.11 -22.49 -13.88
CA PHE B 290 3.69 -21.35 -14.60
C PHE B 290 2.97 -21.09 -15.91
N SER B 291 2.28 -19.94 -15.99
CA SER B 291 1.55 -19.56 -17.20
C SER B 291 1.83 -18.09 -17.59
N SER B 292 2.88 -17.50 -17.03
CA SER B 292 3.22 -16.11 -17.32
C SER B 292 3.87 -16.01 -18.70
N LEU B 293 3.43 -15.02 -19.47
CA LEU B 293 3.95 -14.82 -20.81
C LEU B 293 5.34 -14.19 -20.77
N GLY B 294 6.14 -14.49 -21.80
CA GLY B 294 7.44 -13.87 -21.94
C GLY B 294 8.56 -14.66 -21.30
N ASP B 295 9.74 -14.05 -21.30
CA ASP B 295 10.97 -14.70 -20.88
C ASP B 295 11.63 -14.06 -19.68
N GLY B 296 11.16 -12.89 -19.22
CA GLY B 296 11.72 -12.23 -18.06
C GLY B 296 12.88 -11.30 -18.34
N CYS B 297 13.49 -11.36 -19.54
CA CYS B 297 14.59 -10.48 -19.89
C CYS B 297 14.14 -9.26 -20.68
N SER B 298 12.98 -9.32 -21.35
CA SER B 298 12.45 -8.21 -22.13
C SER B 298 10.94 -8.22 -22.03
N PHE B 299 10.35 -7.03 -22.01
CA PHE B 299 8.92 -6.86 -21.76
C PHE B 299 8.35 -5.88 -22.77
N PRO B 300 7.11 -6.09 -23.22
CA PRO B 300 6.50 -5.13 -24.16
C PRO B 300 6.33 -3.76 -23.50
N THR B 301 6.59 -2.72 -24.28
CA THR B 301 6.48 -1.35 -23.84
C THR B 301 5.23 -0.70 -24.42
N ARG B 302 4.74 0.34 -23.73
CA ARG B 302 3.52 1.01 -24.18
C ARG B 302 3.73 1.73 -25.51
N LEU B 303 4.86 2.42 -25.66
CA LEU B 303 5.17 3.16 -26.88
C LEU B 303 5.90 2.29 -27.89
#